data_2XOY
#
_entry.id   2XOY
#
_cell.length_a   163.050
_cell.length_b   52.120
_cell.length_c   83.610
_cell.angle_alpha   90.00
_cell.angle_beta   105.34
_cell.angle_gamma   90.00
#
_symmetry.space_group_name_H-M   'C 1 2 1'
#
loop_
_entity.id
_entity.type
_entity.pdbx_description
1 polymer 'E3 UBIQUITIN-PROTEIN LIGASE CHFR'
2 non-polymer 'ZINC ION'
3 non-polymer 'ADENOSINE MONOPHOSPHATE'
4 non-polymer ADENINE
5 water water
#
_entity_poly.entity_id   1
_entity_poly.type   'polypeptide(L)'
_entity_poly.pdbx_seq_one_letter_code
;GAMDLLELSDVDSESSDISQPYVVCRQCPEYRRQAAQPPHCPAPEGEPGAPQALGDAPSTSVSLTTAVQDYVCPLQGSHA
LCTCCFQPMPDRRVEREQDPRVAPQQCAVCLQPFCHLYWGCTRTGCYGCLAPFCELNLGDKCLDGVLNNNSYESDILKNY
LATRGLTWKNMLTESLVALQRGVFLLSDYRVTGDTVLCYCCGLRSFRELTYQYRQNIPASELPVAVTSRPDCYWGRNCRT
QVKAHHAMKFNHICEQTRFKN
;
_entity_poly.pdbx_strand_id   A,B
#
loop_
_chem_comp.id
_chem_comp.type
_chem_comp.name
_chem_comp.formula
ADE non-polymer ADENINE 'C5 H5 N5'
AMP non-polymer 'ADENOSINE MONOPHOSPHATE' 'C10 H14 N5 O7 P'
ZN non-polymer 'ZINC ION' 'Zn 2'
#
# COMPACT_ATOMS: atom_id res chain seq x y z
N PRO A 21 -19.74 -25.97 8.22
CA PRO A 21 -18.59 -25.99 9.13
C PRO A 21 -19.02 -26.22 10.58
N TYR A 22 -18.36 -27.17 11.25
CA TYR A 22 -18.75 -27.55 12.62
C TYR A 22 -18.07 -26.70 13.70
N VAL A 23 -18.86 -26.20 14.65
CA VAL A 23 -18.40 -25.18 15.60
C VAL A 23 -18.71 -25.44 17.07
N VAL A 24 -17.66 -25.42 17.89
CA VAL A 24 -17.79 -25.62 19.33
C VAL A 24 -17.11 -24.49 20.10
N CYS A 25 -17.89 -23.73 20.85
CA CYS A 25 -17.38 -22.54 21.56
C CYS A 25 -17.50 -22.68 23.08
N ARG A 26 -17.03 -21.66 23.80
CA ARG A 26 -17.08 -21.62 25.27
C ARG A 26 -18.48 -21.83 25.87
N GLN A 27 -19.51 -21.41 25.16
CA GLN A 27 -20.88 -21.48 25.68
C GLN A 27 -21.69 -22.57 24.98
N CYS A 28 -21.01 -23.43 24.23
CA CYS A 28 -21.65 -24.56 23.57
C CYS A 28 -22.00 -25.64 24.59
N PRO A 29 -23.19 -26.25 24.45
CA PRO A 29 -23.64 -27.33 25.35
C PRO A 29 -22.74 -28.57 25.24
N GLU A 30 -22.69 -29.37 26.30
CA GLU A 30 -21.75 -30.49 26.38
C GLU A 30 -21.94 -31.59 25.33
N TYR A 31 -23.13 -31.69 24.75
CA TYR A 31 -23.37 -32.71 23.73
C TYR A 31 -22.70 -32.34 22.40
N ARG A 32 -22.61 -31.04 22.13
CA ARG A 32 -21.93 -30.53 20.95
C ARG A 32 -20.45 -30.86 21.06
N ARG A 33 -19.91 -30.71 22.27
CA ARG A 33 -18.51 -31.01 22.57
C ARG A 33 -18.12 -32.42 22.14
N GLN A 34 -18.80 -33.40 22.73
CA GLN A 34 -18.49 -34.81 22.54
C GLN A 34 -18.77 -35.34 21.14
N ALA A 35 -19.54 -34.58 20.36
CA ALA A 35 -19.91 -34.98 19.02
C ALA A 35 -18.87 -34.60 17.98
N ALA A 36 -18.02 -33.64 18.31
CA ALA A 36 -17.07 -33.13 17.33
C ALA A 36 -16.11 -34.23 16.92
N GLN A 37 -15.38 -33.99 15.83
CA GLN A 37 -14.36 -34.92 15.38
C GLN A 37 -13.20 -34.96 16.37
N PRO A 38 -12.70 -36.16 16.67
CA PRO A 38 -11.59 -36.31 17.62
C PRO A 38 -10.27 -35.84 17.02
N PRO A 39 -9.34 -35.40 17.86
CA PRO A 39 -8.04 -35.01 17.33
C PRO A 39 -7.30 -36.22 16.75
N HIS A 40 -6.34 -35.95 15.87
CA HIS A 40 -5.53 -37.01 15.27
C HIS A 40 -4.53 -37.46 16.29
N CYS A 41 -4.34 -38.77 16.39
CA CYS A 41 -3.34 -39.32 17.30
C CYS A 41 -2.20 -39.94 16.51
N PRO A 42 -0.96 -39.54 16.83
CA PRO A 42 0.24 -40.14 16.26
C PRO A 42 0.19 -41.67 16.34
N ASP A 70 -24.24 -16.90 30.96
CA ASP A 70 -24.92 -18.16 31.25
C ASP A 70 -25.64 -18.69 30.02
N TYR A 71 -25.39 -18.06 28.88
CA TYR A 71 -25.96 -18.50 27.60
C TYR A 71 -25.59 -19.96 27.27
N VAL A 72 -26.31 -20.53 26.31
CA VAL A 72 -25.98 -21.83 25.77
C VAL A 72 -26.52 -21.88 24.35
N CYS A 73 -25.64 -22.11 23.40
CA CYS A 73 -26.03 -22.03 22.00
C CYS A 73 -27.04 -23.13 21.65
N PRO A 74 -28.14 -22.72 20.98
CA PRO A 74 -29.22 -23.60 20.52
C PRO A 74 -28.88 -24.32 19.21
N LEU A 75 -29.76 -25.22 18.79
CA LEU A 75 -29.59 -25.94 17.53
C LEU A 75 -29.55 -24.94 16.36
N GLN A 76 -30.41 -23.93 16.43
CA GLN A 76 -30.47 -22.85 15.44
C GLN A 76 -29.65 -21.65 15.89
N GLY A 77 -28.66 -21.91 16.75
CA GLY A 77 -27.73 -20.90 17.19
C GLY A 77 -26.56 -20.81 16.23
N SER A 78 -26.26 -19.58 15.81
CA SER A 78 -25.11 -19.32 14.96
C SER A 78 -23.92 -18.94 15.83
N HIS A 79 -22.74 -18.92 15.22
CA HIS A 79 -21.56 -18.41 15.89
C HIS A 79 -20.89 -17.40 14.96
N ALA A 80 -20.28 -16.38 15.54
CA ALA A 80 -19.49 -15.43 14.78
C ALA A 80 -18.05 -15.51 15.26
N LEU A 81 -17.12 -15.09 14.41
CA LEU A 81 -15.70 -15.13 14.78
C LEU A 81 -15.17 -13.77 15.22
N CYS A 82 -14.71 -13.71 16.48
CA CYS A 82 -14.06 -12.51 16.97
C CYS A 82 -13.00 -12.14 15.97
N THR A 83 -13.03 -10.90 15.51
CA THR A 83 -12.11 -10.43 14.50
C THR A 83 -10.68 -10.39 15.03
N CYS A 84 -10.53 -10.34 16.34
CA CYS A 84 -9.21 -10.14 16.94
C CYS A 84 -8.60 -11.46 17.32
N CYS A 85 -9.33 -12.23 18.11
CA CYS A 85 -8.77 -13.45 18.66
C CYS A 85 -9.08 -14.68 17.80
N PHE A 86 -9.98 -14.53 16.83
CA PHE A 86 -10.29 -15.58 15.86
C PHE A 86 -11.20 -16.71 16.37
N GLN A 87 -11.51 -16.70 17.66
CA GLN A 87 -12.38 -17.71 18.26
C GLN A 87 -13.86 -17.41 18.00
N PRO A 88 -14.70 -18.45 18.08
CA PRO A 88 -16.16 -18.38 17.90
C PRO A 88 -16.94 -17.95 19.14
N MET A 89 -17.94 -17.10 18.93
CA MET A 89 -18.92 -16.75 19.95
C MET A 89 -20.30 -16.89 19.32
N PRO A 90 -21.34 -17.05 20.15
CA PRO A 90 -22.69 -17.13 19.59
C PRO A 90 -23.05 -15.81 18.94
N ASP A 91 -23.59 -15.81 17.72
CA ASP A 91 -23.97 -14.56 17.08
C ASP A 91 -25.33 -14.09 17.56
N ARG A 92 -25.34 -13.10 18.45
CA ARG A 92 -26.56 -12.57 19.06
C ARG A 92 -26.79 -11.10 18.73
N ARG A 93 -26.14 -10.62 17.66
CA ARG A 93 -26.26 -9.23 17.27
C ARG A 93 -27.68 -8.85 16.85
N VAL A 94 -28.35 -9.72 16.11
CA VAL A 94 -29.72 -9.48 15.67
C VAL A 94 -30.69 -9.47 16.86
N GLU A 95 -30.47 -10.40 17.80
CA GLU A 95 -31.22 -10.39 19.06
C GLU A 95 -31.01 -9.11 19.89
N ARG A 96 -29.76 -8.66 19.98
CA ARG A 96 -29.46 -7.41 20.69
C ARG A 96 -30.23 -6.20 20.12
N GLU A 97 -30.52 -6.24 18.81
CA GLU A 97 -31.22 -5.14 18.15
C GLU A 97 -32.54 -4.77 18.85
N GLN A 98 -33.21 -5.77 19.43
CA GLN A 98 -34.41 -5.53 20.23
C GLN A 98 -34.27 -6.22 21.60
N ASP A 99 -33.12 -5.99 22.23
CA ASP A 99 -32.84 -6.41 23.61
C ASP A 99 -31.44 -5.94 23.95
N PRO A 100 -31.30 -4.63 24.26
CA PRO A 100 -30.01 -4.05 24.62
C PRO A 100 -29.44 -4.64 25.91
N ARG A 101 -30.14 -5.60 26.51
CA ARG A 101 -29.61 -6.30 27.67
C ARG A 101 -28.39 -7.14 27.24
N VAL A 102 -28.34 -7.47 25.95
CA VAL A 102 -27.25 -8.24 25.38
C VAL A 102 -26.02 -7.33 25.21
N ALA A 103 -24.85 -7.85 25.59
CA ALA A 103 -23.61 -7.12 25.39
C ALA A 103 -23.33 -6.98 23.90
N PRO A 104 -22.80 -5.82 23.48
CA PRO A 104 -22.38 -5.58 22.10
C PRO A 104 -21.32 -6.58 21.64
N GLN A 105 -21.40 -6.98 20.38
CA GLN A 105 -20.45 -7.92 19.83
C GLN A 105 -19.88 -7.42 18.52
N GLN A 106 -19.99 -6.11 18.29
CA GLN A 106 -19.40 -5.53 17.10
C GLN A 106 -18.99 -4.06 17.24
N CYS A 107 -17.97 -3.69 16.50
CA CYS A 107 -17.58 -2.30 16.42
C CYS A 107 -18.65 -1.49 15.66
N ALA A 108 -18.99 -0.32 16.19
CA ALA A 108 -20.07 0.43 15.59
C ALA A 108 -19.59 1.31 14.47
N VAL A 109 -18.36 1.08 14.02
CA VAL A 109 -17.82 1.85 12.90
C VAL A 109 -17.50 0.95 11.72
N CYS A 110 -16.69 -0.07 11.95
CA CYS A 110 -16.34 -1.01 10.88
C CYS A 110 -17.44 -2.08 10.77
N LEU A 111 -18.15 -2.29 11.86
CA LEU A 111 -19.27 -3.23 11.93
C LEU A 111 -18.83 -4.70 12.00
N GLN A 112 -17.52 -4.92 12.17
CA GLN A 112 -16.98 -6.25 12.40
C GLN A 112 -17.21 -6.72 13.84
N PRO A 113 -17.16 -8.04 14.07
CA PRO A 113 -17.51 -8.60 15.39
C PRO A 113 -16.30 -8.84 16.28
N PHE A 114 -16.50 -8.66 17.59
CA PHE A 114 -15.41 -8.79 18.56
C PHE A 114 -15.96 -9.34 19.85
N CYS A 115 -15.20 -10.18 20.52
CA CYS A 115 -15.71 -10.93 21.67
C CYS A 115 -15.53 -10.21 22.99
N HIS A 116 -14.64 -9.23 23.02
CA HIS A 116 -14.15 -8.77 24.31
C HIS A 116 -15.22 -8.30 25.29
N LEU A 117 -16.16 -7.51 24.82
CA LEU A 117 -17.21 -7.02 25.68
C LEU A 117 -18.21 -8.11 26.01
N TYR A 118 -18.37 -9.06 25.10
CA TYR A 118 -19.31 -10.16 25.34
C TYR A 118 -18.91 -11.13 26.47
N TRP A 119 -17.66 -11.61 26.45
CA TRP A 119 -17.14 -12.53 27.47
C TRP A 119 -15.64 -12.46 27.73
N GLY A 120 -14.99 -11.40 27.29
CA GLY A 120 -13.55 -11.23 27.50
C GLY A 120 -12.65 -11.94 26.49
N CYS A 121 -11.92 -11.15 25.72
CA CYS A 121 -11.00 -11.68 24.72
C CYS A 121 -9.61 -11.94 25.32
N THR A 122 -8.85 -12.84 24.69
CA THR A 122 -7.47 -13.09 25.11
C THR A 122 -6.56 -13.47 23.96
N ARG A 123 -5.54 -12.65 23.76
CA ARG A 123 -4.55 -12.88 22.73
C ARG A 123 -3.40 -11.95 23.01
N THR A 124 -2.20 -12.34 22.59
CA THR A 124 -1.02 -11.50 22.80
C THR A 124 -1.04 -10.30 21.86
N GLY A 125 -1.26 -9.12 22.42
CA GLY A 125 -1.38 -7.91 21.63
C GLY A 125 -2.79 -7.37 21.71
N CYS A 126 -3.69 -8.18 22.26
CA CYS A 126 -5.05 -7.71 22.51
C CYS A 126 -5.07 -6.99 23.83
N TYR A 127 -5.26 -5.67 23.77
CA TYR A 127 -5.32 -4.83 24.96
C TYR A 127 -6.72 -4.77 25.57
N GLY A 128 -7.68 -5.40 24.89
CA GLY A 128 -9.11 -5.17 25.11
C GLY A 128 -9.72 -4.61 23.83
N CYS A 129 -10.14 -5.49 22.93
CA CYS A 129 -10.44 -5.09 21.55
C CYS A 129 -11.79 -4.42 21.32
N LEU A 130 -12.57 -4.20 22.38
CA LEU A 130 -13.83 -3.47 22.24
C LEU A 130 -14.17 -2.69 23.50
N ALA A 131 -14.49 -1.42 23.36
CA ALA A 131 -14.76 -0.60 24.52
C ALA A 131 -15.38 0.71 24.07
N PRO A 132 -16.15 1.36 24.97
CA PRO A 132 -16.47 2.76 24.66
C PRO A 132 -15.16 3.48 24.37
N PHE A 133 -15.15 4.33 23.35
CA PHE A 133 -13.94 5.00 22.91
C PHE A 133 -13.14 5.60 24.06
N CYS A 134 -13.84 6.19 25.02
CA CYS A 134 -13.14 6.93 26.09
C CYS A 134 -12.42 6.00 27.08
N GLU A 135 -12.78 4.72 27.06
CA GLU A 135 -12.17 3.73 27.95
C GLU A 135 -11.32 2.72 27.16
N LEU A 136 -11.19 2.91 25.86
CA LEU A 136 -10.44 1.97 25.03
C LEU A 136 -8.96 1.93 25.43
N ASN A 137 -8.43 0.71 25.61
CA ASN A 137 -7.01 0.52 25.93
C ASN A 137 -6.19 0.54 24.65
N LEU A 138 -5.40 1.60 24.46
CA LEU A 138 -4.71 1.78 23.18
C LEU A 138 -3.34 1.15 23.20
N GLY A 139 -2.94 0.66 24.38
CA GLY A 139 -1.65 0.01 24.54
C GLY A 139 -0.59 1.00 24.92
N ASP A 140 0.48 0.50 25.53
CA ASP A 140 1.54 1.36 26.05
C ASP A 140 2.31 2.06 24.94
N LYS A 141 2.18 1.57 23.71
CA LYS A 141 2.97 2.12 22.62
C LYS A 141 2.18 2.95 21.63
N CYS A 142 1.03 3.42 22.06
CA CYS A 142 0.10 4.10 21.17
C CYS A 142 0.60 5.44 20.63
N LEU A 143 1.65 6.01 21.22
CA LEU A 143 2.21 7.27 20.75
C LEU A 143 3.35 7.12 19.73
N ASP A 144 3.84 5.89 19.51
CA ASP A 144 4.86 5.70 18.48
C ASP A 144 4.24 5.96 17.10
N GLY A 145 4.82 6.90 16.37
CA GLY A 145 4.32 7.23 15.04
C GLY A 145 2.87 7.66 15.02
N VAL A 146 2.36 8.13 16.16
CA VAL A 146 0.98 8.58 16.23
C VAL A 146 0.75 9.85 15.39
N LEU A 147 1.81 10.63 15.22
CA LEU A 147 1.75 11.79 14.34
C LEU A 147 2.33 11.40 12.97
N ASN A 148 1.45 11.38 11.95
CA ASN A 148 1.78 11.03 10.56
C ASN A 148 2.59 9.77 10.38
N ASN A 149 2.55 8.85 11.33
CA ASN A 149 3.46 7.71 11.27
C ASN A 149 4.89 8.16 11.12
N ASN A 150 5.17 9.27 11.78
CA ASN A 150 6.44 9.97 11.71
C ASN A 150 7.08 10.01 13.11
N SER A 151 8.12 9.19 13.31
CA SER A 151 8.66 8.98 14.65
C SER A 151 9.20 10.26 15.26
N TYR A 152 9.86 11.07 14.43
CA TYR A 152 10.47 12.30 14.88
C TYR A 152 9.43 13.26 15.41
N GLU A 153 8.30 13.32 14.73
CA GLU A 153 7.26 14.24 15.11
C GLU A 153 6.59 13.70 16.37
N SER A 154 6.39 12.39 16.38
CA SER A 154 5.83 11.69 17.52
C SER A 154 6.69 11.88 18.77
N ASP A 155 8.00 11.79 18.62
CA ASP A 155 8.90 11.97 19.76
C ASP A 155 8.80 13.35 20.38
N ILE A 156 8.82 14.38 19.55
CA ILE A 156 8.55 15.73 20.03
C ILE A 156 7.28 15.80 20.85
N LEU A 157 6.21 15.13 20.41
CA LEU A 157 4.98 15.14 21.20
C LEU A 157 5.22 14.40 22.51
N LYS A 158 5.94 13.29 22.42
CA LYS A 158 6.27 12.50 23.61
C LYS A 158 7.03 13.29 24.66
N ASN A 159 8.02 14.09 24.22
CA ASN A 159 8.81 14.89 25.15
C ASN A 159 7.94 15.94 25.78
N TYR A 160 7.06 16.49 24.98
CA TYR A 160 6.17 17.51 25.45
C TYR A 160 5.37 17.01 26.66
N LEU A 161 4.80 15.82 26.54
CA LEU A 161 3.93 15.26 27.57
C LEU A 161 4.71 14.75 28.77
N ALA A 162 5.89 14.20 28.51
CA ALA A 162 6.76 13.69 29.56
C ALA A 162 7.15 14.86 30.46
N THR A 163 7.61 15.93 29.81
CA THR A 163 8.02 17.15 30.50
C THR A 163 6.97 17.65 31.48
N ARG A 164 5.69 17.45 31.16
CA ARG A 164 4.63 17.96 32.00
C ARG A 164 3.91 16.87 32.80
N GLY A 165 4.38 15.63 32.69
CA GLY A 165 3.83 14.52 33.46
C GLY A 165 2.47 14.08 32.95
N LEU A 166 2.22 14.32 31.66
CA LEU A 166 0.96 13.95 31.01
C LEU A 166 1.07 12.60 30.33
N THR A 167 -0.01 11.83 30.39
CA THR A 167 -0.05 10.53 29.73
C THR A 167 -0.88 10.64 28.48
N TRP A 168 -0.86 9.61 27.64
CA TRP A 168 -1.69 9.64 26.46
C TRP A 168 -3.14 9.66 26.88
N LYS A 169 -3.46 9.03 28.00
CA LYS A 169 -4.83 9.10 28.51
C LYS A 169 -5.30 10.52 28.81
N ASN A 170 -4.46 11.32 29.49
CA ASN A 170 -4.82 12.72 29.77
C ASN A 170 -5.11 13.47 28.50
N MET A 171 -4.26 13.27 27.50
CA MET A 171 -4.39 13.95 26.22
C MET A 171 -5.67 13.58 25.47
N LEU A 172 -5.97 12.29 25.39
CA LEU A 172 -7.25 11.83 24.86
C LEU A 172 -8.44 12.45 25.60
N THR A 173 -8.36 12.52 26.92
CA THR A 173 -9.42 13.14 27.69
C THR A 173 -9.69 14.61 27.29
N GLU A 174 -8.64 15.42 27.20
CA GLU A 174 -8.80 16.80 26.72
C GLU A 174 -9.38 16.79 25.30
N SER A 175 -8.80 15.95 24.44
CA SER A 175 -9.23 15.87 23.05
C SER A 175 -10.70 15.54 22.88
N LEU A 176 -11.21 14.59 23.65
CA LEU A 176 -12.63 14.21 23.53
C LEU A 176 -13.53 15.36 23.97
N VAL A 177 -12.99 16.28 24.74
CA VAL A 177 -13.75 17.42 25.20
C VAL A 177 -13.85 18.49 24.11
N ALA A 178 -12.76 18.63 23.36
CA ALA A 178 -12.76 19.47 22.17
C ALA A 178 -13.68 18.89 21.08
N LEU A 179 -13.61 17.59 20.90
CA LEU A 179 -14.44 16.88 19.94
C LEU A 179 -15.91 17.14 20.26
N GLN A 180 -16.29 16.90 21.50
CA GLN A 180 -17.68 17.03 21.87
C GLN A 180 -18.22 18.45 21.63
N ARG A 181 -17.35 19.45 21.75
CA ARG A 181 -17.78 20.83 21.49
C ARG A 181 -17.80 21.21 20.00
N GLY A 182 -17.24 20.37 19.13
CA GLY A 182 -17.09 20.70 17.72
C GLY A 182 -15.83 21.50 17.42
N VAL A 183 -14.95 21.61 18.41
CA VAL A 183 -13.68 22.31 18.24
C VAL A 183 -12.65 21.47 17.48
N PHE A 184 -12.73 20.14 17.67
CA PHE A 184 -11.88 19.17 16.99
C PHE A 184 -12.82 18.33 16.15
N LEU A 185 -12.35 17.85 15.00
CA LEU A 185 -13.19 17.05 14.08
C LEU A 185 -12.62 15.66 13.76
N LEU A 186 -13.51 14.75 13.35
CA LEU A 186 -13.12 13.39 12.96
C LEU A 186 -13.59 13.06 11.54
N SER A 187 -12.85 12.18 10.86
CA SER A 187 -13.30 11.69 9.57
C SER A 187 -14.57 10.87 9.73
N ASP A 188 -14.51 9.88 10.63
CA ASP A 188 -15.70 9.16 11.03
C ASP A 188 -16.47 10.15 11.90
N TYR A 189 -17.16 11.06 11.23
CA TYR A 189 -17.62 12.30 11.84
C TYR A 189 -18.65 12.10 12.92
N ARG A 190 -19.21 10.91 13.00
CA ARG A 190 -20.25 10.65 14.00
C ARG A 190 -19.72 9.96 15.28
N VAL A 191 -18.42 9.71 15.33
CA VAL A 191 -17.78 9.10 16.48
C VAL A 191 -17.72 10.06 17.69
N THR A 192 -18.07 9.54 18.86
CA THR A 192 -17.92 10.29 20.09
C THR A 192 -17.26 9.38 21.11
N GLY A 193 -16.93 9.94 22.26
CA GLY A 193 -16.29 9.20 23.32
C GLY A 193 -17.13 8.03 23.80
N ASP A 194 -18.43 8.07 23.51
CA ASP A 194 -19.32 7.01 24.00
C ASP A 194 -19.51 5.89 23.01
N THR A 195 -18.94 6.03 21.82
CA THR A 195 -19.09 5.05 20.77
C THR A 195 -18.39 3.74 21.11
N VAL A 196 -19.11 2.64 20.97
CA VAL A 196 -18.54 1.33 21.22
C VAL A 196 -17.77 0.91 19.98
N LEU A 197 -16.45 0.91 20.07
CA LEU A 197 -15.67 0.59 18.88
C LEU A 197 -14.45 -0.27 19.13
N CYS A 198 -13.73 -0.58 18.06
CA CYS A 198 -12.63 -1.51 18.15
C CYS A 198 -11.25 -0.86 18.21
N TYR A 199 -10.26 -1.67 18.54
CA TYR A 199 -8.91 -1.20 18.67
C TYR A 199 -8.52 -0.39 17.43
N CYS A 200 -8.74 -0.95 16.24
CA CYS A 200 -8.25 -0.30 15.03
C CYS A 200 -8.98 1.01 14.71
N CYS A 201 -10.28 1.02 14.96
CA CYS A 201 -11.07 2.19 14.64
C CYS A 201 -10.76 3.30 15.64
N GLY A 202 -10.73 2.96 16.92
CA GLY A 202 -10.37 3.92 17.95
C GLY A 202 -9.00 4.52 17.70
N LEU A 203 -8.02 3.66 17.42
CA LEU A 203 -6.69 4.14 17.08
C LEU A 203 -6.70 5.14 15.92
N ARG A 204 -7.36 4.77 14.84
CA ARG A 204 -7.45 5.66 13.71
C ARG A 204 -7.94 7.06 14.13
N SER A 205 -9.02 7.11 14.92
CA SER A 205 -9.58 8.39 15.31
C SER A 205 -8.68 9.05 16.36
N PHE A 206 -7.98 8.22 17.12
CA PHE A 206 -7.04 8.73 18.08
C PHE A 206 -5.94 9.54 17.41
N ARG A 207 -5.52 9.13 16.21
CA ARG A 207 -4.43 9.83 15.56
C ARG A 207 -4.85 11.21 15.08
N GLU A 208 -6.10 11.30 14.66
CA GLU A 208 -6.62 12.57 14.17
C GLU A 208 -6.82 13.55 15.31
N LEU A 209 -7.32 13.07 16.45
CA LEU A 209 -7.44 13.92 17.63
C LEU A 209 -6.04 14.37 18.07
N THR A 210 -5.12 13.41 18.16
CA THR A 210 -3.77 13.75 18.55
C THR A 210 -3.13 14.82 17.66
N TYR A 211 -3.31 14.71 16.35
CA TYR A 211 -2.80 15.71 15.43
C TYR A 211 -3.34 17.11 15.78
N GLN A 212 -4.63 17.18 16.10
CA GLN A 212 -5.24 18.45 16.43
C GLN A 212 -4.73 18.98 17.78
N TYR A 213 -4.45 18.06 18.69
CA TYR A 213 -3.85 18.44 19.97
C TYR A 213 -2.45 19.05 19.77
N ARG A 214 -1.60 18.33 19.06
CA ARG A 214 -0.25 18.78 18.75
C ARG A 214 -0.28 20.16 18.12
N GLN A 215 -1.28 20.33 17.27
CA GLN A 215 -1.49 21.54 16.49
C GLN A 215 -1.79 22.77 17.36
N ASN A 216 -2.57 22.58 18.41
CA ASN A 216 -2.87 23.63 19.38
C ASN A 216 -1.85 23.78 20.52
N ILE A 217 -0.69 23.15 20.39
CA ILE A 217 0.40 23.48 21.30
C ILE A 217 1.06 24.76 20.82
N PRO A 218 1.26 25.72 21.71
CA PRO A 218 1.94 26.95 21.30
C PRO A 218 3.42 26.74 21.03
N ALA A 219 3.98 27.47 20.07
CA ALA A 219 5.40 27.33 19.75
C ALA A 219 6.34 27.55 20.95
N SER A 220 6.01 28.50 21.81
CA SER A 220 6.86 28.81 22.96
C SER A 220 6.90 27.69 24.01
N GLU A 221 5.94 26.77 23.96
CA GLU A 221 5.96 25.61 24.86
C GLU A 221 6.77 24.44 24.31
N LEU A 222 7.34 24.60 23.13
CA LEU A 222 8.17 23.55 22.54
C LEU A 222 9.62 24.01 22.47
N PRO A 223 10.55 23.05 22.41
CA PRO A 223 11.96 23.42 22.23
C PRO A 223 12.14 24.23 20.97
N VAL A 224 13.18 25.04 20.95
CA VAL A 224 13.39 25.93 19.83
C VAL A 224 13.98 25.14 18.64
N ALA A 225 14.68 24.05 18.94
CA ALA A 225 15.14 23.13 17.91
C ALA A 225 13.97 22.63 17.07
N VAL A 226 12.82 22.44 17.72
CA VAL A 226 11.60 22.03 17.05
C VAL A 226 10.97 23.12 16.17
N THR A 227 10.73 24.29 16.76
CA THR A 227 10.06 25.39 16.07
C THR A 227 10.88 25.97 14.93
N SER A 228 12.20 25.88 15.04
CA SER A 228 13.10 26.44 14.04
C SER A 228 12.89 25.85 12.65
N ARG A 229 12.72 24.54 12.61
CA ARG A 229 12.53 23.84 11.34
C ARG A 229 11.44 24.48 10.48
N PRO A 230 11.74 24.67 9.18
CA PRO A 230 10.81 25.25 8.19
C PRO A 230 9.74 24.24 7.82
N ASP A 231 8.58 24.76 7.46
CA ASP A 231 7.48 23.91 7.02
C ASP A 231 7.85 23.17 5.74
N CYS A 232 7.48 21.90 5.66
CA CYS A 232 7.59 21.22 4.38
C CYS A 232 6.50 21.74 3.48
N TYR A 233 6.85 21.99 2.22
CA TYR A 233 5.91 22.40 1.19
C TYR A 233 4.70 21.47 1.05
N TRP A 234 4.92 20.18 1.30
CA TRP A 234 3.88 19.15 1.11
C TRP A 234 3.05 18.88 2.37
N GLY A 235 3.46 19.46 3.49
CA GLY A 235 2.67 19.38 4.71
C GLY A 235 2.51 18.00 5.33
N ARG A 236 1.41 17.81 6.03
CA ARG A 236 1.23 16.63 6.87
C ARG A 236 1.20 15.35 6.06
N ASN A 237 0.92 15.47 4.76
CA ASN A 237 0.71 14.28 3.96
C ASN A 237 1.91 13.91 3.12
N CYS A 238 2.94 14.75 3.21
CA CYS A 238 4.21 14.47 2.58
C CYS A 238 4.60 13.00 2.63
N ARG A 239 5.07 12.47 1.51
CA ARG A 239 5.47 11.06 1.43
C ARG A 239 6.93 10.83 1.85
N THR A 240 7.72 11.89 1.81
CA THR A 240 9.15 11.82 2.11
C THR A 240 9.45 11.84 3.61
N GLN A 241 8.44 12.14 4.41
CA GLN A 241 8.66 12.30 5.85
C GLN A 241 8.94 10.99 6.60
N VAL A 242 8.87 9.85 5.91
CA VAL A 242 9.21 8.59 6.54
C VAL A 242 10.70 8.27 6.41
N LYS A 243 11.47 9.20 5.87
CA LYS A 243 12.92 9.09 5.82
C LYS A 243 13.52 9.98 6.89
N ALA A 244 14.37 9.39 7.72
CA ALA A 244 14.80 10.07 8.95
C ALA A 244 15.29 11.50 8.72
N HIS A 245 16.20 11.67 7.78
CA HIS A 245 16.80 12.97 7.52
C HIS A 245 15.77 14.07 7.24
N HIS A 246 14.82 13.77 6.35
CA HIS A 246 13.77 14.71 5.96
C HIS A 246 12.77 15.02 7.09
N ALA A 247 12.37 14.00 7.83
CA ALA A 247 11.48 14.22 8.98
C ALA A 247 12.11 15.21 9.95
N MET A 248 13.40 15.08 10.17
CA MET A 248 14.11 15.90 11.13
C MET A 248 14.33 17.32 10.64
N LYS A 249 14.43 17.46 9.32
CA LYS A 249 14.79 18.74 8.73
C LYS A 249 13.59 19.68 8.57
N PHE A 250 12.41 19.12 8.32
CA PHE A 250 11.21 19.94 8.10
C PHE A 250 10.09 19.68 9.09
N ASN A 251 9.31 20.73 9.34
CA ASN A 251 8.11 20.61 10.14
C ASN A 251 6.98 20.08 9.27
N HIS A 252 6.37 18.97 9.71
CA HIS A 252 5.23 18.38 9.03
C HIS A 252 3.94 18.48 9.81
N ILE A 253 3.92 19.31 10.84
CA ILE A 253 2.67 19.72 11.45
C ILE A 253 2.24 20.98 10.71
N CYS A 254 1.77 20.80 9.48
CA CYS A 254 1.29 21.91 8.67
C CYS A 254 0.47 21.39 7.50
N GLU A 255 -0.19 22.32 6.81
CA GLU A 255 -0.99 21.93 5.66
C GLU A 255 -0.19 22.08 4.39
N GLN A 256 -0.66 21.41 3.34
CA GLN A 256 -0.10 21.53 2.00
C GLN A 256 -0.12 22.99 1.54
N THR A 257 1.01 23.46 1.01
CA THR A 257 1.08 24.77 0.38
C THR A 257 0.34 24.81 -0.97
N ARG A 258 -0.54 25.80 -1.13
CA ARG A 258 -1.19 26.07 -2.42
C ARG A 258 -0.53 27.29 -3.01
N PHE A 259 -1.19 28.42 -2.78
CA PHE A 259 -0.74 29.71 -3.29
C PHE A 259 0.26 30.39 -2.37
N TYR B 22 10.99 -33.34 -24.08
CA TYR B 22 9.62 -33.80 -23.98
C TYR B 22 8.79 -33.11 -22.88
N VAL B 23 7.90 -32.19 -23.27
CA VAL B 23 7.17 -31.38 -22.29
C VAL B 23 5.66 -31.44 -22.39
N VAL B 24 5.02 -31.35 -21.23
CA VAL B 24 3.58 -31.40 -21.10
C VAL B 24 3.10 -30.14 -20.40
N CYS B 25 2.30 -29.34 -21.10
CA CYS B 25 1.87 -28.06 -20.56
C CYS B 25 0.43 -28.13 -20.11
N ARG B 26 -0.11 -27.02 -19.59
CA ARG B 26 -1.48 -27.03 -19.07
C ARG B 26 -2.48 -27.53 -20.10
N GLN B 27 -2.21 -27.26 -21.38
CA GLN B 27 -3.18 -27.52 -22.43
C GLN B 27 -2.93 -28.76 -23.29
N CYS B 28 -1.95 -29.58 -22.89
CA CYS B 28 -1.70 -30.88 -23.51
C CYS B 28 -2.83 -31.90 -23.25
N PRO B 29 -2.96 -32.87 -24.17
CA PRO B 29 -3.98 -33.92 -24.01
C PRO B 29 -3.52 -34.96 -23.01
N GLU B 30 -4.45 -35.65 -22.36
CA GLU B 30 -4.14 -36.77 -21.49
C GLU B 30 -3.17 -37.81 -22.07
N TYR B 31 -3.38 -38.21 -23.32
CA TYR B 31 -2.57 -39.30 -23.88
C TYR B 31 -1.11 -38.88 -23.89
N ARG B 32 -0.91 -37.58 -23.88
CA ARG B 32 0.42 -37.01 -23.98
C ARG B 32 0.99 -36.91 -22.58
N ARG B 33 0.17 -36.40 -21.67
CA ARG B 33 0.48 -36.34 -20.26
C ARG B 33 0.83 -37.72 -19.69
N GLN B 34 -0.09 -38.69 -19.87
CA GLN B 34 0.10 -40.03 -19.33
C GLN B 34 1.33 -40.73 -19.92
N ALA B 35 1.82 -40.22 -21.05
CA ALA B 35 2.95 -40.81 -21.74
C ALA B 35 4.29 -40.26 -21.27
N ALA B 36 4.28 -39.30 -20.36
CA ALA B 36 5.53 -38.72 -19.86
C ALA B 36 6.28 -39.67 -18.95
N GLN B 37 7.59 -39.47 -18.83
CA GLN B 37 8.42 -40.28 -17.93
C GLN B 37 8.05 -40.13 -16.45
N PRO B 38 8.04 -41.25 -15.73
CA PRO B 38 7.71 -41.27 -14.30
C PRO B 38 8.72 -40.45 -13.51
N PRO B 39 8.27 -39.71 -12.48
CA PRO B 39 9.12 -39.04 -11.49
C PRO B 39 9.81 -40.04 -10.56
N HIS B 40 10.83 -39.62 -9.83
CA HIS B 40 11.45 -40.51 -8.85
C HIS B 40 10.69 -40.53 -7.52
N CYS B 41 10.20 -41.68 -7.12
CA CYS B 41 9.66 -41.84 -5.78
C CYS B 41 10.74 -42.10 -4.78
N PRO B 42 10.61 -41.47 -3.61
CA PRO B 42 11.70 -41.52 -2.63
C PRO B 42 11.47 -42.69 -1.70
N ALA B 43 12.55 -43.32 -1.25
CA ALA B 43 12.49 -44.58 -0.45
C ALA B 43 11.19 -44.83 0.36
N ASP B 70 -9.77 -22.52 -24.55
CA ASP B 70 -10.30 -23.88 -24.49
C ASP B 70 -9.61 -24.78 -25.51
N TYR B 71 -8.29 -24.68 -25.56
CA TYR B 71 -7.44 -25.28 -26.60
C TYR B 71 -6.83 -26.60 -26.11
N VAL B 72 -6.49 -27.49 -27.04
CA VAL B 72 -5.76 -28.72 -26.71
C VAL B 72 -4.58 -28.84 -27.66
N CYS B 73 -3.40 -29.12 -27.17
CA CYS B 73 -2.27 -29.19 -28.10
C CYS B 73 -2.39 -30.35 -29.11
N PRO B 74 -2.29 -30.01 -30.40
CA PRO B 74 -2.19 -31.02 -31.45
C PRO B 74 -0.90 -31.83 -31.32
N LEU B 75 -0.86 -32.99 -31.96
CA LEU B 75 0.30 -33.84 -32.01
C LEU B 75 1.49 -33.12 -32.63
N GLN B 76 1.19 -32.23 -33.57
CA GLN B 76 2.22 -31.47 -34.27
C GLN B 76 2.57 -30.19 -33.53
N GLY B 77 1.91 -29.96 -32.40
CA GLY B 77 2.19 -28.79 -31.58
C GLY B 77 3.65 -28.71 -31.13
N SER B 78 4.09 -27.48 -30.85
CA SER B 78 5.36 -27.26 -30.14
C SER B 78 5.11 -26.44 -28.88
N HIS B 79 6.12 -26.31 -28.04
CA HIS B 79 5.98 -25.56 -26.79
C HIS B 79 7.15 -24.63 -26.60
N ALA B 80 6.90 -23.53 -25.89
CA ALA B 80 7.98 -22.62 -25.49
C ALA B 80 7.82 -22.26 -24.00
N LEU B 81 8.94 -22.03 -23.31
CA LEU B 81 8.92 -21.71 -21.89
C LEU B 81 8.72 -20.22 -21.63
N CYS B 82 7.80 -19.88 -20.72
CA CYS B 82 7.63 -18.51 -20.29
C CYS B 82 8.93 -18.04 -19.69
N THR B 83 9.45 -16.93 -20.19
CA THR B 83 10.73 -16.41 -19.70
C THR B 83 10.62 -16.08 -18.21
N CYS B 84 9.45 -15.61 -17.81
CA CYS B 84 9.14 -15.28 -16.43
C CYS B 84 8.98 -16.51 -15.54
N CYS B 85 7.92 -17.29 -15.74
CA CYS B 85 7.67 -18.40 -14.83
C CYS B 85 8.40 -19.70 -15.16
N PHE B 86 9.06 -19.78 -16.32
CA PHE B 86 9.81 -20.98 -16.73
C PHE B 86 8.94 -22.18 -17.17
N GLN B 87 7.62 -21.99 -17.19
CA GLN B 87 6.72 -23.08 -17.56
C GLN B 87 6.36 -23.07 -19.06
N PRO B 88 6.12 -24.25 -19.64
CA PRO B 88 5.82 -24.43 -21.06
C PRO B 88 4.43 -23.95 -21.45
N MET B 89 4.31 -23.39 -22.65
CA MET B 89 3.02 -23.03 -23.23
C MET B 89 2.99 -23.50 -24.67
N PRO B 90 1.78 -23.72 -25.21
CA PRO B 90 1.58 -23.99 -26.62
C PRO B 90 2.21 -22.86 -27.41
N ASP B 91 3.15 -23.13 -28.31
CA ASP B 91 3.78 -22.06 -29.08
C ASP B 91 2.99 -21.76 -30.34
N ARG B 92 2.11 -20.76 -30.27
CA ARG B 92 1.18 -20.51 -31.35
C ARG B 92 1.47 -19.21 -32.07
N ARG B 93 2.73 -18.82 -32.07
CA ARG B 93 3.13 -17.56 -32.67
C ARG B 93 2.96 -17.56 -34.18
N VAL B 94 3.50 -18.58 -34.84
CA VAL B 94 3.38 -18.69 -36.30
C VAL B 94 1.92 -18.67 -36.71
N GLU B 95 1.09 -19.34 -35.91
CA GLU B 95 -0.35 -19.37 -36.11
C GLU B 95 -0.97 -17.98 -36.00
N ARG B 96 -0.46 -17.20 -35.06
CA ARG B 96 -0.98 -15.87 -34.76
C ARG B 96 -1.02 -14.94 -35.98
N GLU B 97 0.08 -14.93 -36.74
CA GLU B 97 0.19 -14.11 -37.95
C GLU B 97 -0.96 -14.37 -38.93
N GLN B 98 -1.52 -15.57 -38.90
CA GLN B 98 -2.65 -15.91 -39.76
C GLN B 98 -3.98 -15.70 -39.04
N ASP B 99 -3.99 -15.96 -37.74
CA ASP B 99 -5.18 -15.74 -36.95
C ASP B 99 -4.79 -14.91 -35.74
N PRO B 100 -5.14 -13.62 -35.75
CA PRO B 100 -4.81 -12.74 -34.63
C PRO B 100 -5.84 -12.79 -33.49
N ARG B 101 -6.70 -13.79 -33.50
CA ARG B 101 -7.57 -14.06 -32.34
C ARG B 101 -6.72 -14.69 -31.25
N VAL B 102 -5.51 -15.09 -31.64
CA VAL B 102 -4.56 -15.74 -30.74
C VAL B 102 -3.84 -14.69 -29.90
N ALA B 103 -3.92 -14.82 -28.58
CA ALA B 103 -3.20 -13.93 -27.66
C ALA B 103 -1.72 -13.85 -28.01
N PRO B 104 -1.09 -12.68 -27.75
CA PRO B 104 0.33 -12.52 -28.06
C PRO B 104 1.16 -13.32 -27.06
N GLN B 105 2.32 -13.83 -27.49
CA GLN B 105 3.09 -14.68 -26.59
C GLN B 105 4.54 -14.21 -26.42
N GLN B 106 4.82 -12.99 -26.90
CA GLN B 106 6.16 -12.47 -26.78
C GLN B 106 6.18 -10.95 -26.74
N CYS B 107 7.26 -10.41 -26.20
CA CYS B 107 7.43 -8.98 -26.10
C CYS B 107 7.79 -8.45 -27.48
N ALA B 108 7.02 -7.49 -27.97
CA ALA B 108 7.26 -6.93 -29.29
C ALA B 108 8.69 -6.41 -29.48
N VAL B 109 9.33 -6.02 -28.38
CA VAL B 109 10.65 -5.40 -28.46
C VAL B 109 11.83 -6.36 -28.35
N CYS B 110 11.88 -7.16 -27.28
CA CYS B 110 13.05 -8.01 -27.08
C CYS B 110 12.81 -9.42 -27.62
N LEU B 111 11.54 -9.71 -27.93
CA LEU B 111 11.16 -10.94 -28.62
C LEU B 111 11.14 -12.16 -27.73
N GLN B 112 11.35 -11.96 -26.44
CA GLN B 112 11.29 -13.06 -25.52
C GLN B 112 9.85 -13.45 -25.22
N PRO B 113 9.62 -14.75 -25.01
CA PRO B 113 8.31 -15.37 -24.76
C PRO B 113 7.80 -15.19 -23.34
N PHE B 114 6.49 -14.99 -23.19
CA PHE B 114 5.87 -14.76 -21.90
C PHE B 114 4.44 -15.25 -21.96
N CYS B 115 4.03 -15.99 -20.92
CA CYS B 115 2.76 -16.71 -20.92
C CYS B 115 1.55 -15.90 -20.43
N HIS B 116 1.81 -14.74 -19.86
CA HIS B 116 0.77 -14.10 -19.07
C HIS B 116 -0.46 -13.68 -19.86
N LEU B 117 -0.26 -13.23 -21.10
CA LEU B 117 -1.39 -12.71 -21.87
C LEU B 117 -2.19 -13.85 -22.42
N TYR B 118 -1.47 -14.94 -22.64
CA TYR B 118 -2.04 -16.15 -23.20
C TYR B 118 -3.03 -16.89 -22.27
N TRP B 119 -2.61 -17.18 -21.04
CA TRP B 119 -3.46 -17.94 -20.12
C TRP B 119 -3.29 -17.54 -18.64
N GLY B 120 -2.58 -16.43 -18.40
CA GLY B 120 -2.30 -15.97 -17.04
C GLY B 120 -1.08 -16.59 -16.39
N CYS B 121 -0.07 -15.77 -16.10
CA CYS B 121 1.16 -16.24 -15.47
C CYS B 121 1.03 -16.20 -13.96
N THR B 122 1.94 -16.87 -13.25
CA THR B 122 1.85 -17.00 -11.79
C THR B 122 3.19 -17.28 -11.13
N ARG B 123 3.85 -16.23 -10.68
CA ARG B 123 5.10 -16.39 -9.94
C ARG B 123 5.20 -15.29 -8.90
N THR B 124 5.86 -15.56 -7.78
CA THR B 124 6.14 -14.54 -6.79
C THR B 124 7.23 -13.64 -7.34
N GLY B 125 6.85 -12.43 -7.76
CA GLY B 125 7.77 -11.52 -8.41
C GLY B 125 7.23 -11.12 -9.78
N CYS B 126 6.28 -11.90 -10.28
CA CYS B 126 5.58 -11.59 -11.51
C CYS B 126 4.36 -10.73 -11.17
N TYR B 127 4.35 -9.50 -11.68
CA TYR B 127 3.22 -8.59 -11.53
C TYR B 127 2.23 -8.78 -12.68
N GLY B 128 2.65 -9.51 -13.70
CA GLY B 128 1.90 -9.64 -14.95
C GLY B 128 2.83 -9.35 -16.11
N CYS B 129 3.59 -10.37 -16.51
CA CYS B 129 4.78 -10.18 -17.30
C CYS B 129 4.58 -9.80 -18.78
N LEU B 130 3.34 -9.73 -19.26
CA LEU B 130 3.13 -9.22 -20.62
C LEU B 130 1.83 -8.42 -20.70
N ALA B 131 1.92 -7.21 -21.27
CA ALA B 131 0.75 -6.35 -21.34
C ALA B 131 0.95 -5.32 -22.42
N PRO B 132 -0.16 -4.87 -23.01
CA PRO B 132 -0.10 -3.62 -23.78
C PRO B 132 0.40 -2.54 -22.85
N PHE B 133 1.37 -1.75 -23.33
CA PHE B 133 2.08 -0.77 -22.52
C PHE B 133 1.17 0.03 -21.61
N CYS B 134 0.04 0.50 -22.13
CA CYS B 134 -0.85 1.33 -21.32
C CYS B 134 -1.38 0.62 -20.09
N GLU B 135 -1.29 -0.70 -20.05
CA GLU B 135 -1.88 -1.49 -18.97
C GLU B 135 -0.86 -2.31 -18.21
N LEU B 136 0.38 -2.23 -18.64
CA LEU B 136 1.44 -2.97 -17.95
C LEU B 136 1.51 -2.59 -16.47
N ASN B 137 1.81 -3.56 -15.61
CA ASN B 137 1.98 -3.29 -14.19
C ASN B 137 3.45 -3.26 -13.82
N LEU B 138 3.88 -2.14 -13.27
CA LEU B 138 5.29 -1.94 -12.95
C LEU B 138 5.56 -2.09 -11.47
N GLY B 139 4.51 -2.35 -10.72
CA GLY B 139 4.65 -2.64 -9.31
C GLY B 139 4.44 -1.44 -8.42
N ASP B 140 4.21 -1.72 -7.14
CA ASP B 140 3.96 -0.66 -6.17
C ASP B 140 5.13 0.30 -5.93
N LYS B 141 6.35 -0.11 -6.24
CA LYS B 141 7.47 0.75 -5.92
C LYS B 141 8.15 1.37 -7.13
N CYS B 142 7.47 1.32 -8.27
CA CYS B 142 8.08 1.76 -9.52
C CYS B 142 8.41 3.25 -9.54
N LEU B 143 7.84 4.02 -8.61
CA LEU B 143 8.21 5.43 -8.55
C LEU B 143 9.57 5.63 -7.88
N ASP B 144 10.02 4.66 -7.08
CA ASP B 144 11.28 4.78 -6.36
C ASP B 144 12.50 4.88 -7.26
N GLY B 145 13.20 6.00 -7.15
CA GLY B 145 14.35 6.26 -7.99
C GLY B 145 14.04 6.30 -9.48
N VAL B 146 12.78 6.49 -9.83
CA VAL B 146 12.35 6.45 -11.23
C VAL B 146 13.04 7.48 -12.11
N LEU B 147 13.42 8.62 -11.53
CA LEU B 147 14.19 9.60 -12.27
C LEU B 147 15.68 9.36 -12.09
N ASN B 148 16.24 8.61 -13.02
CA ASN B 148 17.68 8.37 -13.04
C ASN B 148 18.30 7.94 -11.70
N ASN B 149 17.56 7.12 -10.94
CA ASN B 149 18.05 6.55 -9.69
C ASN B 149 18.36 7.62 -8.64
N ASN B 150 17.65 8.73 -8.77
CA ASN B 150 17.84 9.87 -7.89
C ASN B 150 16.63 9.97 -6.95
N SER B 151 16.84 9.58 -5.70
CA SER B 151 15.76 9.58 -4.72
C SER B 151 15.31 10.99 -4.34
N TYR B 152 16.23 11.93 -4.32
CA TYR B 152 15.82 13.29 -4.02
C TYR B 152 14.83 13.84 -5.05
N GLU B 153 15.14 13.70 -6.34
CA GLU B 153 14.23 14.12 -7.42
C GLU B 153 12.97 13.27 -7.48
N SER B 154 13.11 11.96 -7.26
CA SER B 154 11.99 11.06 -7.34
C SER B 154 11.00 11.28 -6.21
N ASP B 155 11.51 11.65 -5.05
CA ASP B 155 10.61 11.89 -3.92
C ASP B 155 9.71 13.11 -4.17
N ILE B 156 10.32 14.17 -4.72
CA ILE B 156 9.57 15.33 -5.16
C ILE B 156 8.42 14.94 -6.09
N LEU B 157 8.73 14.16 -7.12
CA LEU B 157 7.71 13.72 -8.05
C LEU B 157 6.65 12.84 -7.37
N LYS B 158 7.07 12.02 -6.41
CA LYS B 158 6.12 11.21 -5.67
C LYS B 158 5.11 12.08 -4.94
N ASN B 159 5.57 13.20 -4.39
CA ASN B 159 4.70 14.16 -3.72
C ASN B 159 3.85 14.95 -4.66
N TYR B 160 4.45 15.38 -5.76
CA TYR B 160 3.67 16.09 -6.75
C TYR B 160 2.43 15.25 -7.16
N LEU B 161 2.64 13.98 -7.46
CA LEU B 161 1.53 13.12 -7.88
C LEU B 161 0.52 12.89 -6.76
N ALA B 162 1.02 12.57 -5.57
CA ALA B 162 0.16 12.32 -4.43
C ALA B 162 -0.72 13.51 -4.09
N THR B 163 -0.11 14.70 -4.12
CA THR B 163 -0.82 15.96 -3.91
C THR B 163 -1.91 16.19 -4.95
N ARG B 164 -1.72 15.66 -6.15
CA ARG B 164 -2.71 15.83 -7.20
C ARG B 164 -3.71 14.67 -7.31
N GLY B 165 -3.58 13.67 -6.44
CA GLY B 165 -4.48 12.53 -6.46
C GLY B 165 -4.26 11.59 -7.64
N LEU B 166 -3.04 11.59 -8.15
CA LEU B 166 -2.63 10.77 -9.28
C LEU B 166 -1.83 9.55 -8.84
N THR B 167 -2.07 8.42 -9.47
CA THR B 167 -1.24 7.24 -9.30
C THR B 167 -0.24 7.24 -10.43
N TRP B 168 0.80 6.43 -10.35
CA TRP B 168 1.79 6.40 -11.43
C TRP B 168 1.13 5.95 -12.74
N LYS B 169 -0.04 5.32 -12.64
CA LYS B 169 -0.72 4.83 -13.83
C LYS B 169 -1.33 6.00 -14.56
N ASN B 170 -1.83 6.96 -13.81
CA ASN B 170 -2.35 8.20 -14.40
C ASN B 170 -1.24 8.97 -15.08
N MET B 171 -0.07 8.97 -14.47
CA MET B 171 1.09 9.64 -15.06
C MET B 171 1.44 8.99 -16.39
N LEU B 172 1.56 7.66 -16.37
CA LEU B 172 1.85 6.90 -17.57
C LEU B 172 0.83 7.23 -18.66
N THR B 173 -0.46 7.06 -18.33
CA THR B 173 -1.54 7.38 -19.24
C THR B 173 -1.33 8.71 -19.94
N GLU B 174 -1.13 9.76 -19.16
CA GLU B 174 -0.99 11.09 -19.74
C GLU B 174 0.28 11.18 -20.56
N SER B 175 1.31 10.48 -20.13
CA SER B 175 2.55 10.50 -20.88
C SER B 175 2.33 9.83 -22.22
N LEU B 176 1.65 8.68 -22.19
CA LEU B 176 1.28 7.99 -23.42
C LEU B 176 0.52 8.88 -24.41
N VAL B 177 -0.40 9.69 -23.89
CA VAL B 177 -1.12 10.62 -24.74
C VAL B 177 -0.19 11.62 -25.42
N ALA B 178 0.79 12.11 -24.69
CA ALA B 178 1.74 13.10 -25.23
C ALA B 178 2.70 12.45 -26.20
N LEU B 179 2.94 11.16 -26.03
CA LEU B 179 3.76 10.40 -26.96
C LEU B 179 3.04 10.34 -28.31
N GLN B 180 1.76 9.95 -28.26
CA GLN B 180 0.95 9.84 -29.45
C GLN B 180 0.86 11.18 -30.18
N ARG B 181 0.75 12.28 -29.43
CA ARG B 181 0.66 13.58 -30.08
C ARG B 181 2.00 14.07 -30.57
N GLY B 182 3.05 13.32 -30.25
CA GLY B 182 4.41 13.67 -30.62
C GLY B 182 5.09 14.69 -29.72
N VAL B 183 4.44 15.04 -28.61
CA VAL B 183 5.02 15.99 -27.66
C VAL B 183 6.15 15.37 -26.85
N PHE B 184 6.01 14.08 -26.53
CA PHE B 184 7.04 13.28 -25.85
C PHE B 184 7.67 12.30 -26.84
N LEU B 185 8.91 11.91 -26.59
CA LEU B 185 9.63 10.96 -27.44
C LEU B 185 10.21 9.79 -26.64
N LEU B 186 10.36 8.65 -27.30
CA LEU B 186 11.12 7.54 -26.76
C LEU B 186 12.38 7.29 -27.58
N SER B 187 13.35 6.58 -27.03
CA SER B 187 14.53 6.29 -27.83
C SER B 187 14.26 5.18 -28.87
N ASP B 188 13.24 4.37 -28.61
CA ASP B 188 12.77 3.40 -29.57
C ASP B 188 11.50 3.92 -30.23
N TYR B 189 11.59 4.40 -31.46
CA TYR B 189 10.47 5.12 -32.04
C TYR B 189 9.28 4.22 -32.33
N ARG B 190 9.45 2.92 -32.17
CA ARG B 190 8.44 1.95 -32.57
C ARG B 190 7.35 1.81 -31.53
N VAL B 191 7.71 2.12 -30.30
CA VAL B 191 6.84 1.91 -29.15
C VAL B 191 5.71 2.93 -29.04
N THR B 192 4.50 2.43 -28.76
CA THR B 192 3.35 3.27 -28.45
C THR B 192 2.67 2.68 -27.23
N GLY B 193 1.61 3.31 -26.73
CA GLY B 193 0.91 2.79 -25.58
C GLY B 193 0.23 1.46 -25.90
N ASP B 194 0.08 1.18 -27.18
CA ASP B 194 -0.55 -0.06 -27.63
C ASP B 194 0.44 -1.22 -27.66
N THR B 195 1.72 -0.93 -27.89
CA THR B 195 2.74 -1.97 -27.99
C THR B 195 2.70 -2.97 -26.83
N VAL B 196 2.83 -4.26 -27.13
CA VAL B 196 2.86 -5.29 -26.09
C VAL B 196 4.28 -5.50 -25.58
N LEU B 197 4.46 -5.40 -24.27
CA LEU B 197 5.80 -5.28 -23.70
C LEU B 197 6.01 -6.13 -22.48
N CYS B 198 7.27 -6.52 -22.25
CA CYS B 198 7.61 -7.20 -21.02
C CYS B 198 7.87 -6.16 -19.92
N TYR B 199 7.98 -6.63 -18.67
CA TYR B 199 8.28 -5.73 -17.56
C TYR B 199 9.52 -4.91 -17.85
N CYS B 200 10.65 -5.57 -18.05
CA CYS B 200 11.92 -4.87 -18.28
C CYS B 200 11.86 -3.89 -19.44
N CYS B 201 11.16 -4.23 -20.50
CA CYS B 201 11.08 -3.32 -21.65
C CYS B 201 10.14 -2.12 -21.38
N GLY B 202 9.10 -2.33 -20.57
CA GLY B 202 8.20 -1.26 -20.17
C GLY B 202 8.83 -0.34 -19.13
N LEU B 203 9.53 -0.94 -18.18
CA LEU B 203 10.27 -0.16 -17.22
C LEU B 203 11.16 0.83 -17.96
N ARG B 204 11.90 0.36 -18.95
CA ARG B 204 12.83 1.24 -19.64
C ARG B 204 12.13 2.46 -20.30
N SER B 205 11.02 2.21 -20.99
CA SER B 205 10.28 3.30 -21.64
C SER B 205 9.54 4.20 -20.65
N PHE B 206 9.07 3.59 -19.57
CA PHE B 206 8.43 4.32 -18.48
C PHE B 206 9.35 5.40 -17.89
N ARG B 207 10.58 5.02 -17.55
CA ARG B 207 11.55 5.98 -17.04
C ARG B 207 11.75 7.11 -18.03
N GLU B 208 11.81 6.75 -19.31
CA GLU B 208 12.01 7.75 -20.34
C GLU B 208 10.83 8.70 -20.42
N LEU B 209 9.61 8.16 -20.30
CA LEU B 209 8.46 9.05 -20.34
C LEU B 209 8.39 9.87 -19.06
N THR B 210 8.64 9.23 -17.93
CA THR B 210 8.51 9.90 -16.65
C THR B 210 9.47 11.09 -16.53
N TYR B 211 10.67 10.98 -17.08
CA TYR B 211 11.60 12.07 -17.01
C TYR B 211 10.92 13.28 -17.66
N GLN B 212 10.27 13.02 -18.79
CA GLN B 212 9.70 14.09 -19.58
C GLN B 212 8.49 14.71 -18.92
N TYR B 213 7.68 13.88 -18.28
CA TYR B 213 6.54 14.37 -17.51
C TYR B 213 6.95 15.39 -16.45
N ARG B 214 8.07 15.10 -15.80
CA ARG B 214 8.61 15.92 -14.76
C ARG B 214 9.13 17.22 -15.35
N GLN B 215 9.84 17.14 -16.46
CA GLN B 215 10.28 18.34 -17.16
C GLN B 215 9.14 19.32 -17.32
N ASN B 216 7.95 18.80 -17.57
CA ASN B 216 6.81 19.66 -17.84
C ASN B 216 5.98 20.07 -16.64
N ILE B 217 6.43 19.76 -15.44
CA ILE B 217 5.76 20.35 -14.29
C ILE B 217 6.15 21.84 -14.21
N PRO B 218 5.14 22.71 -14.07
CA PRO B 218 5.39 24.15 -13.99
C PRO B 218 6.00 24.46 -12.64
N ALA B 219 7.01 25.35 -12.62
CA ALA B 219 7.73 25.65 -11.39
C ALA B 219 6.86 26.17 -10.26
N SER B 220 5.69 26.70 -10.60
CA SER B 220 4.83 27.33 -9.61
C SER B 220 4.04 26.30 -8.85
N GLU B 221 4.24 25.03 -9.19
CA GLU B 221 3.54 23.95 -8.52
C GLU B 221 4.58 23.13 -7.78
N LEU B 222 5.79 23.68 -7.73
CA LEU B 222 6.87 23.07 -6.97
C LEU B 222 7.41 24.09 -5.98
N PRO B 223 8.08 23.59 -4.92
CA PRO B 223 8.72 24.48 -3.94
C PRO B 223 9.76 25.33 -4.64
N VAL B 224 9.92 26.57 -4.17
CA VAL B 224 10.91 27.47 -4.75
C VAL B 224 12.30 26.93 -4.44
N ALA B 225 12.43 26.39 -3.24
CA ALA B 225 13.69 25.78 -2.82
C ALA B 225 14.20 24.85 -3.91
N VAL B 226 13.28 24.07 -4.49
CA VAL B 226 13.60 23.10 -5.52
C VAL B 226 14.15 23.78 -6.77
N THR B 227 13.32 24.62 -7.39
CA THR B 227 13.69 25.37 -8.59
C THR B 227 14.91 26.31 -8.46
N SER B 228 15.27 26.68 -7.23
CA SER B 228 16.32 27.68 -7.00
C SER B 228 17.70 27.07 -6.91
N ARG B 229 17.81 25.75 -7.15
CA ARG B 229 19.09 25.07 -7.06
C ARG B 229 19.94 25.23 -8.32
N PRO B 230 21.25 25.42 -8.13
CA PRO B 230 22.13 25.47 -9.30
C PRO B 230 22.05 24.15 -10.08
N ASP B 231 21.89 24.25 -11.40
CA ASP B 231 21.98 23.06 -12.25
C ASP B 231 23.36 22.41 -12.16
N CYS B 232 23.40 21.09 -12.09
CA CYS B 232 24.66 20.37 -12.16
C CYS B 232 25.17 20.28 -13.60
N TYR B 233 26.48 20.24 -13.76
CA TYR B 233 27.17 20.19 -15.06
C TYR B 233 26.67 19.03 -15.87
N TRP B 234 26.66 17.87 -15.22
CA TRP B 234 26.39 16.60 -15.85
C TRP B 234 24.90 16.39 -16.06
N GLY B 235 24.11 17.23 -15.41
CA GLY B 235 22.68 17.20 -15.58
C GLY B 235 22.15 15.81 -15.43
N ARG B 236 21.23 15.43 -16.29
CA ARG B 236 20.58 14.12 -16.24
C ARG B 236 21.54 12.93 -16.30
N ASN B 237 22.76 13.17 -16.77
CA ASN B 237 23.71 12.08 -16.98
C ASN B 237 24.68 11.88 -15.84
N CYS B 238 24.58 12.75 -14.83
CA CYS B 238 25.45 12.69 -13.67
C CYS B 238 25.35 11.33 -13.01
N ARG B 239 26.49 10.73 -12.71
CA ARG B 239 26.47 9.41 -12.10
C ARG B 239 26.61 9.53 -10.57
N THR B 240 26.95 10.73 -10.12
CA THR B 240 27.07 11.01 -8.69
C THR B 240 25.71 11.39 -8.02
N GLN B 241 24.67 11.60 -8.84
CA GLN B 241 23.33 11.94 -8.35
C GLN B 241 22.63 10.79 -7.62
N VAL B 242 23.25 9.62 -7.60
CA VAL B 242 22.70 8.53 -6.78
C VAL B 242 23.06 8.70 -5.28
N LYS B 243 23.84 9.74 -4.96
CA LYS B 243 24.23 10.04 -3.59
C LYS B 243 23.44 11.24 -3.09
N ALA B 244 22.73 11.05 -1.98
CA ALA B 244 21.71 11.99 -1.56
C ALA B 244 22.21 13.40 -1.31
N HIS B 245 23.43 13.53 -0.81
CA HIS B 245 23.92 14.87 -0.52
C HIS B 245 24.03 15.70 -1.79
N HIS B 246 24.58 15.09 -2.82
CA HIS B 246 24.79 15.77 -4.10
C HIS B 246 23.45 16.03 -4.82
N ALA B 247 22.59 15.01 -4.83
CA ALA B 247 21.25 15.11 -5.41
C ALA B 247 20.46 16.25 -4.77
N MET B 248 20.72 16.50 -3.49
CA MET B 248 20.01 17.57 -2.78
C MET B 248 20.55 18.93 -3.15
N LYS B 249 21.86 19.03 -3.20
CA LYS B 249 22.46 20.33 -3.44
C LYS B 249 22.33 20.82 -4.87
N PHE B 250 22.15 19.90 -5.82
CA PHE B 250 22.13 20.27 -7.23
C PHE B 250 20.86 19.83 -7.98
N ASN B 251 20.37 20.67 -8.88
CA ASN B 251 19.29 20.23 -9.76
C ASN B 251 19.82 19.26 -10.80
N HIS B 252 19.07 18.19 -11.08
CA HIS B 252 19.46 17.23 -12.12
C HIS B 252 18.39 17.03 -13.19
N ILE B 253 17.31 17.81 -13.13
CA ILE B 253 16.36 17.86 -14.23
C ILE B 253 16.84 18.94 -15.20
N CYS B 254 17.91 18.63 -15.91
CA CYS B 254 18.54 19.55 -16.85
C CYS B 254 19.49 18.76 -17.74
N GLU B 255 19.87 19.34 -18.87
CA GLU B 255 20.76 18.66 -19.81
C GLU B 255 22.20 18.77 -19.32
N GLN B 256 23.07 17.89 -19.82
CA GLN B 256 24.50 17.98 -19.55
C GLN B 256 25.05 19.24 -20.25
N THR B 257 25.87 20.03 -19.56
CA THR B 257 26.38 21.25 -20.17
C THR B 257 27.91 21.33 -20.12
N ARG B 258 28.52 20.37 -19.44
CA ARG B 258 29.98 20.28 -19.37
C ARG B 258 30.47 18.90 -19.74
N PHE B 259 31.48 18.83 -20.59
CA PHE B 259 32.00 17.56 -21.06
C PHE B 259 33.46 17.35 -20.68
N LYS B 260 33.98 18.27 -19.88
CA LYS B 260 35.38 18.29 -19.47
C LYS B 260 35.90 16.92 -19.10
N ASN B 261 35.23 16.25 -18.16
CA ASN B 261 35.62 14.91 -17.75
C ASN B 261 37.00 14.85 -17.09
ZN ZN C . -21.37 -22.04 21.11
ZN ZN D . -11.89 -12.17 20.91
ZN ZN E . -9.27 -9.15 21.24
ZN ZN F . -13.84 -1.01 14.08
ZN ZN G . 8.11 16.62 3.71
ZN ZN H . 0.87 -28.47 -24.50
ZN ZN I . 4.50 -17.29 -17.32
ZN ZN J . 5.16 -13.78 -15.37
ZN ZN K . 10.86 -7.12 -23.77
ZN ZN L . 25.51 15.92 -10.53
P AMP M . 35.62 19.09 -14.56
O1P AMP M . 37.05 19.15 -15.07
O2P AMP M . 35.23 20.19 -13.59
O3P AMP M . 34.60 18.86 -15.66
O5' AMP M . 35.60 17.77 -13.63
C5' AMP M . 35.81 16.46 -14.17
C4' AMP M . 35.25 15.40 -13.21
O4' AMP M . 33.90 15.04 -13.55
C3' AMP M . 36.05 14.11 -13.26
O3' AMP M . 36.70 13.92 -11.98
C2' AMP M . 35.05 13.00 -13.54
O2' AMP M . 35.25 11.91 -12.63
C1' AMP M . 33.68 13.64 -13.35
N9 AMP M . 32.61 13.11 -14.26
C8 AMP M . 32.77 12.86 -15.58
N7 AMP M . 31.61 12.39 -16.14
C5 AMP M . 30.68 12.33 -15.16
C6 AMP M . 29.24 11.92 -15.08
N6 AMP M . 28.58 11.47 -16.18
N1 AMP M . 28.64 12.00 -13.86
C2 AMP M . 29.30 12.45 -12.77
N3 AMP M . 30.59 12.84 -12.78
C4 AMP M . 31.34 12.80 -13.92
N9 ADE N . 30.42 22.85 -8.42
C8 ADE N . 29.60 23.77 -9.02
N7 ADE N . 28.77 23.26 -9.89
C5 ADE N . 29.04 21.90 -9.85
C6 ADE N . 28.50 20.80 -10.54
N6 ADE N . 27.52 20.95 -11.44
N1 ADE N . 29.01 19.57 -10.29
C2 ADE N . 29.99 19.44 -9.38
N3 ADE N . 30.59 20.40 -8.67
C4 ADE N . 30.07 21.62 -8.95
#